data_4JOK
#
_entry.id   4JOK
#
_cell.length_a   36.167
_cell.length_b   47.824
_cell.length_c   97.461
_cell.angle_alpha   90.00
_cell.angle_beta   90.00
_cell.angle_gamma   90.00
#
_symmetry.space_group_name_H-M   'P 21 21 21'
#
loop_
_entity.id
_entity.type
_entity.pdbx_description
1 polymer 'Golgi-associated PDZ and coiled-coil motif-containing protein'
2 polymer 'Y-iCAL36 peptide'
3 non-polymer GLYCEROL
4 water water
#
loop_
_entity_poly.entity_id
_entity_poly.type
_entity_poly.pdbx_seq_one_letter_code
_entity_poly.pdbx_strand_id
1 'polypeptide(L)'
;GPIRKVLLLKEDHEGLGISITGGKEHGVPILISEIHPGQPADRCGGLHVGDAILAVNGVNLRDTKHKEAVTILSQQRGEI
EFEVVYV
;
A,B
2 'polypeptide(L)' ANSRYPTSII C,D
#
loop_
_chem_comp.id
_chem_comp.type
_chem_comp.name
_chem_comp.formula
GOL non-polymer GLYCEROL 'C3 H8 O3'
#
# COMPACT_ATOMS: atom_id res chain seq x y z
N GLY A 1 -3.77 27.88 0.74
CA GLY A 1 -5.14 28.02 1.21
C GLY A 1 -5.20 27.78 2.71
N PRO A 2 -6.42 27.72 3.25
CA PRO A 2 -6.56 27.48 4.69
C PRO A 2 -6.27 26.03 5.03
N ILE A 3 -5.71 25.81 6.20
CA ILE A 3 -5.58 24.44 6.69
C ILE A 3 -6.97 23.90 7.01
N ARG A 4 -7.23 22.67 6.56
CA ARG A 4 -8.53 22.02 6.76
C ARG A 4 -8.36 20.72 7.54
N LYS A 5 -9.38 20.36 8.32
CA LYS A 5 -9.46 19.04 8.91
C LYS A 5 -10.56 18.27 8.19
N VAL A 6 -10.24 17.05 7.76
CA VAL A 6 -11.13 16.26 6.93
C VAL A 6 -11.24 14.84 7.49
N LEU A 7 -12.45 14.32 7.58
CA LEU A 7 -12.68 12.97 8.07
C LEU A 7 -12.86 12.00 6.91
N LEU A 8 -12.21 10.85 6.99
CA LEU A 8 -12.31 9.80 5.99
C LEU A 8 -12.74 8.53 6.71
N LEU A 9 -13.70 7.81 6.13
CA LEU A 9 -14.15 6.52 6.67
C LEU A 9 -13.71 5.43 5.69
N LYS A 10 -12.91 4.49 6.20
CA LYS A 10 -12.29 3.41 5.40
C LYS A 10 -12.75 2.09 5.99
N GLU A 11 -13.12 1.14 5.15
CA GLU A 11 -13.36 -0.21 5.62
C GLU A 11 -12.04 -0.99 5.60
N ASP A 12 -12.01 -2.09 6.34
CA ASP A 12 -10.75 -2.78 6.55
C ASP A 12 -10.20 -3.51 5.32
N HIS A 13 -11.02 -3.71 4.30
CA HIS A 13 -10.60 -4.40 3.09
C HIS A 13 -10.08 -3.41 2.04
N GLU A 14 -10.07 -2.12 2.37
CA GLU A 14 -9.75 -1.06 1.43
C GLU A 14 -8.45 -0.36 1.76
N GLY A 15 -7.85 0.27 0.75
CA GLY A 15 -6.84 1.28 0.99
C GLY A 15 -7.49 2.64 1.13
N LEU A 16 -6.67 3.68 1.16
CA LEU A 16 -7.18 5.03 1.27
C LEU A 16 -7.76 5.54 -0.04
N GLY A 17 -7.24 5.05 -1.17
CA GLY A 17 -7.69 5.54 -2.45
C GLY A 17 -7.01 6.83 -2.90
N ILE A 18 -5.72 6.99 -2.54
CA ILE A 18 -4.96 8.13 -3.01
C ILE A 18 -3.61 7.69 -3.52
N SER A 19 -3.04 8.50 -4.38
CA SER A 19 -1.61 8.41 -4.66
C SER A 19 -0.94 9.59 -4.01
N ILE A 20 0.22 9.34 -3.39
CA ILE A 20 1.01 10.41 -2.80
C ILE A 20 2.36 10.50 -3.46
N THR A 21 2.88 11.72 -3.51
CA THR A 21 4.21 11.95 -4.01
C THR A 21 4.92 12.90 -3.07
N GLY A 22 6.22 13.06 -3.23
CA GLY A 22 6.95 13.97 -2.38
C GLY A 22 7.53 13.32 -1.14
N GLY A 23 7.92 14.15 -0.19
CA GLY A 23 8.59 13.69 1.01
C GLY A 23 9.80 14.53 1.34
N LYS A 24 10.18 14.49 2.61
CA LYS A 24 11.23 15.35 3.12
C LYS A 24 12.54 15.21 2.37
N GLU A 25 12.86 14.00 1.92
CA GLU A 25 14.14 13.78 1.25
C GLU A 25 14.17 14.51 -0.10
N HIS A 26 13.01 14.93 -0.57
CA HIS A 26 12.89 15.67 -1.83
C HIS A 26 12.62 17.15 -1.61
N GLY A 27 12.53 17.55 -0.34
CA GLY A 27 12.24 18.94 -0.01
C GLY A 27 10.83 19.37 -0.42
N VAL A 28 9.92 18.39 -0.49
CA VAL A 28 8.53 18.61 -0.92
C VAL A 28 7.62 17.96 0.13
N PRO A 29 6.44 18.56 0.40
CA PRO A 29 5.49 17.91 1.32
C PRO A 29 4.99 16.58 0.76
N ILE A 30 4.32 15.81 1.60
CA ILE A 30 3.55 14.68 1.13
C ILE A 30 2.33 15.24 0.40
N LEU A 31 2.27 15.05 -0.91
CA LEU A 31 1.24 15.65 -1.74
C LEU A 31 0.33 14.59 -2.33
N ILE A 32 -0.98 14.86 -2.34
CA ILE A 32 -1.92 13.99 -3.03
C ILE A 32 -1.84 14.27 -4.52
N SER A 33 -1.44 13.26 -5.28
CA SER A 33 -1.34 13.42 -6.73
C SER A 33 -2.50 12.77 -7.46
N GLU A 34 -3.19 11.84 -6.80
N GLU A 34 -3.19 11.84 -6.79
CA GLU A 34 -4.37 11.20 -7.38
CA GLU A 34 -4.37 11.20 -7.35
C GLU A 34 -5.40 10.89 -6.31
C GLU A 34 -5.41 10.97 -6.26
N ILE A 35 -6.67 11.08 -6.65
CA ILE A 35 -7.79 10.62 -5.84
C ILE A 35 -8.48 9.58 -6.70
N HIS A 36 -8.46 8.33 -6.27
CA HIS A 36 -8.98 7.26 -7.10
C HIS A 36 -10.50 7.13 -7.00
N PRO A 37 -11.17 7.09 -8.16
CA PRO A 37 -12.63 7.22 -8.12
C PRO A 37 -13.29 6.09 -7.34
N GLY A 38 -14.22 6.45 -6.47
CA GLY A 38 -15.02 5.49 -5.75
C GLY A 38 -14.38 4.89 -4.50
N GLN A 39 -13.11 5.20 -4.26
N GLN A 39 -13.09 5.17 -4.28
CA GLN A 39 -12.41 4.68 -3.09
CA GLN A 39 -12.38 4.70 -3.09
C GLN A 39 -12.56 5.68 -1.92
C GLN A 39 -12.62 5.65 -1.91
N PRO A 40 -12.08 5.32 -0.72
CA PRO A 40 -12.50 6.11 0.45
C PRO A 40 -12.20 7.61 0.40
N ALA A 41 -11.07 8.02 -0.13
CA ALA A 41 -10.76 9.44 -0.18
C ALA A 41 -11.74 10.19 -1.06
N ASP A 42 -12.09 9.61 -2.21
CA ASP A 42 -13.07 10.21 -3.09
C ASP A 42 -14.41 10.32 -2.37
N ARG A 43 -14.81 9.22 -1.74
CA ARG A 43 -16.10 9.17 -1.06
C ARG A 43 -16.22 10.18 0.10
N CYS A 44 -15.10 10.47 0.78
CA CYS A 44 -15.18 11.38 1.93
C CYS A 44 -15.47 12.81 1.51
N GLY A 45 -15.14 13.16 0.27
CA GLY A 45 -15.51 14.45 -0.30
C GLY A 45 -14.57 15.63 -0.05
N GLY A 46 -13.69 15.51 0.94
CA GLY A 46 -12.89 16.63 1.37
C GLY A 46 -11.41 16.61 1.02
N LEU A 47 -10.95 15.57 0.31
CA LEU A 47 -9.54 15.45 -0.09
C LEU A 47 -9.40 15.58 -1.59
N HIS A 48 -8.40 16.35 -2.04
CA HIS A 48 -8.28 16.67 -3.46
C HIS A 48 -6.85 16.65 -3.95
N VAL A 49 -6.69 16.42 -5.25
CA VAL A 49 -5.37 16.47 -5.87
C VAL A 49 -4.76 17.84 -5.61
N GLY A 50 -3.51 17.84 -5.17
CA GLY A 50 -2.81 19.08 -4.88
C GLY A 50 -2.79 19.38 -3.40
N ASP A 51 -3.61 18.69 -2.61
CA ASP A 51 -3.54 18.87 -1.17
C ASP A 51 -2.24 18.31 -0.61
N ALA A 52 -1.63 19.06 0.30
CA ALA A 52 -0.53 18.56 1.09
C ALA A 52 -1.10 17.96 2.36
N ILE A 53 -0.63 16.76 2.70
CA ILE A 53 -1.06 16.11 3.94
C ILE A 53 -0.12 16.53 5.05
N LEU A 54 -0.65 17.35 5.96
CA LEU A 54 0.14 17.89 7.05
C LEU A 54 0.18 16.93 8.23
N ALA A 55 -0.90 16.20 8.46
CA ALA A 55 -0.96 15.26 9.56
C ALA A 55 -2.08 14.25 9.33
N VAL A 56 -1.97 13.08 9.96
CA VAL A 56 -3.06 12.10 9.94
C VAL A 56 -3.23 11.54 11.33
N ASN A 57 -4.46 11.56 11.85
CA ASN A 57 -4.71 11.14 13.22
C ASN A 57 -3.71 11.71 14.23
N GLY A 58 -3.38 12.98 14.05
CA GLY A 58 -2.48 13.67 14.94
C GLY A 58 -1.00 13.43 14.72
N VAL A 59 -0.64 12.58 13.76
CA VAL A 59 0.76 12.33 13.44
C VAL A 59 1.23 13.31 12.37
N ASN A 60 2.20 14.15 12.73
CA ASN A 60 2.70 15.16 11.81
C ASN A 60 3.41 14.48 10.64
N LEU A 61 3.07 14.90 9.42
CA LEU A 61 3.70 14.37 8.24
C LEU A 61 4.51 15.43 7.50
N ARG A 62 4.66 16.61 8.09
N ARG A 62 4.66 16.60 8.11
CA ARG A 62 5.33 17.71 7.41
CA ARG A 62 5.36 17.71 7.44
C ARG A 62 6.84 17.51 7.25
C ARG A 62 6.84 17.43 7.18
N ASP A 63 7.40 16.59 8.05
N ASP A 63 7.47 16.64 8.05
CA ASP A 63 8.84 16.36 8.02
CA ASP A 63 8.90 16.38 7.93
C ASP A 63 9.16 14.90 7.74
C ASP A 63 9.21 14.91 7.64
N THR A 64 8.20 14.16 7.21
CA THR A 64 8.39 12.75 6.96
C THR A 64 8.93 12.46 5.56
N LYS A 65 9.81 11.47 5.47
N LYS A 65 9.80 11.46 5.48
CA LYS A 65 10.24 10.96 4.18
CA LYS A 65 10.24 10.93 4.20
C LYS A 65 9.13 10.16 3.54
C LYS A 65 9.10 10.18 3.54
N HIS A 66 9.21 10.00 2.22
CA HIS A 66 8.15 9.35 1.46
C HIS A 66 7.70 8.02 2.06
N LYS A 67 8.64 7.10 2.28
CA LYS A 67 8.27 5.78 2.77
C LYS A 67 7.81 5.78 4.21
N GLU A 68 8.31 6.72 5.01
CA GLU A 68 7.80 6.88 6.37
C GLU A 68 6.31 7.23 6.30
N ALA A 69 5.96 8.16 5.42
CA ALA A 69 4.57 8.55 5.25
C ALA A 69 3.69 7.39 4.78
N VAL A 70 4.19 6.58 3.85
CA VAL A 70 3.43 5.43 3.41
C VAL A 70 3.12 4.51 4.58
N THR A 71 4.13 4.20 5.39
CA THR A 71 3.90 3.33 6.54
C THR A 71 2.87 3.93 7.49
N ILE A 72 3.03 5.20 7.82
CA ILE A 72 2.12 5.83 8.76
C ILE A 72 0.69 5.86 8.19
N LEU A 73 0.55 6.29 6.95
CA LEU A 73 -0.77 6.42 6.34
C LEU A 73 -1.48 5.07 6.23
N SER A 74 -0.74 4.05 5.79
CA SER A 74 -1.35 2.73 5.58
C SER A 74 -1.72 2.02 6.88
N GLN A 75 -1.18 2.46 8.01
N GLN A 75 -1.14 2.46 8.01
CA GLN A 75 -1.51 1.83 9.28
CA GLN A 75 -1.46 1.91 9.32
C GLN A 75 -2.80 2.37 9.89
C GLN A 75 -2.85 2.31 9.81
N GLN A 76 -3.34 3.44 9.33
CA GLN A 76 -4.56 4.02 9.90
C GLN A 76 -5.79 3.22 9.48
N ARG A 77 -6.72 3.04 10.41
CA ARG A 77 -7.93 2.26 10.16
C ARG A 77 -9.19 3.00 10.55
N GLY A 78 -10.29 2.70 9.87
CA GLY A 78 -11.61 3.14 10.29
C GLY A 78 -11.89 4.61 10.02
N GLU A 79 -12.11 5.35 11.09
CA GLU A 79 -12.40 6.78 11.00
C GLU A 79 -11.09 7.52 11.15
N ILE A 80 -10.64 8.15 10.08
CA ILE A 80 -9.29 8.69 10.00
C ILE A 80 -9.36 10.20 9.75
N GLU A 81 -8.72 10.97 10.61
CA GLU A 81 -8.75 12.42 10.46
C GLU A 81 -7.49 12.93 9.78
N PHE A 82 -7.67 13.70 8.73
CA PHE A 82 -6.58 14.31 7.99
C PHE A 82 -6.51 15.80 8.26
N GLU A 83 -5.30 16.33 8.32
CA GLU A 83 -5.09 17.77 8.30
C GLU A 83 -4.39 18.08 6.98
N VAL A 84 -5.00 18.89 6.14
CA VAL A 84 -4.52 19.10 4.78
C VAL A 84 -4.56 20.58 4.41
N VAL A 85 -3.82 20.94 3.37
CA VAL A 85 -3.87 22.29 2.85
C VAL A 85 -3.58 22.28 1.36
N TYR A 86 -4.35 23.05 0.61
CA TYR A 86 -4.11 23.22 -0.82
C TYR A 86 -3.32 24.50 -1.04
N VAL A 87 -2.13 24.37 -1.62
CA VAL A 87 -1.31 25.52 -1.93
C VAL A 87 -1.25 25.74 -3.43
N GLY B 1 -7.76 -1.28 -11.13
CA GLY B 1 -8.60 -1.66 -10.01
C GLY B 1 -8.11 -1.04 -8.71
N PRO B 2 -8.90 -1.16 -7.64
CA PRO B 2 -8.60 -0.56 -6.35
C PRO B 2 -7.69 -1.43 -5.50
N ILE B 3 -6.99 -0.80 -4.56
CA ILE B 3 -6.28 -1.56 -3.55
C ILE B 3 -7.27 -2.44 -2.78
N ARG B 4 -6.87 -3.67 -2.52
CA ARG B 4 -7.61 -4.57 -1.65
C ARG B 4 -6.67 -5.06 -0.55
N LYS B 5 -7.22 -5.28 0.63
CA LYS B 5 -6.52 -6.00 1.68
C LYS B 5 -7.19 -7.35 1.81
N VAL B 6 -6.38 -8.39 1.77
CA VAL B 6 -6.83 -9.77 1.65
C VAL B 6 -6.15 -10.61 2.73
N LEU B 7 -6.93 -11.41 3.44
CA LEU B 7 -6.37 -12.31 4.45
C LEU B 7 -6.14 -13.70 3.88
N LEU B 8 -5.00 -14.27 4.24
CA LEU B 8 -4.65 -15.61 3.85
C LEU B 8 -4.28 -16.36 5.14
N LEU B 9 -4.88 -17.54 5.35
CA LEU B 9 -4.56 -18.34 6.52
C LEU B 9 -3.57 -19.44 6.13
N LYS B 10 -2.37 -19.35 6.70
CA LYS B 10 -1.30 -20.29 6.40
C LYS B 10 -1.03 -21.20 7.60
N GLU B 11 -1.10 -22.51 7.40
CA GLU B 11 -0.67 -23.43 8.44
C GLU B 11 0.85 -23.44 8.47
N ASP B 12 1.44 -23.72 9.63
CA ASP B 12 2.89 -23.65 9.79
C ASP B 12 3.62 -24.60 8.84
N HIS B 13 2.99 -25.70 8.47
CA HIS B 13 3.64 -26.73 7.67
C HIS B 13 3.52 -26.52 6.16
N GLU B 14 2.82 -25.47 5.75
CA GLU B 14 2.60 -25.25 4.32
C GLU B 14 3.09 -23.88 3.86
N GLY B 15 3.35 -23.78 2.56
CA GLY B 15 3.69 -22.50 1.98
C GLY B 15 2.44 -21.72 1.61
N LEU B 16 2.63 -20.53 1.06
CA LEU B 16 1.51 -19.68 0.65
C LEU B 16 0.86 -20.17 -0.65
N GLY B 17 1.66 -20.77 -1.52
CA GLY B 17 1.18 -21.21 -2.82
C GLY B 17 1.12 -20.11 -3.87
N ILE B 18 2.19 -19.31 -3.95
CA ILE B 18 2.25 -18.17 -4.86
C ILE B 18 3.62 -18.17 -5.53
N SER B 19 3.64 -17.96 -6.84
CA SER B 19 4.87 -17.63 -7.53
C SER B 19 4.96 -16.13 -7.68
N ILE B 20 6.18 -15.62 -7.48
CA ILE B 20 6.49 -14.20 -7.41
C ILE B 20 7.54 -13.84 -8.46
N THR B 21 7.31 -12.73 -9.15
CA THR B 21 8.31 -12.15 -10.03
C THR B 21 8.41 -10.65 -9.76
N GLY B 22 9.42 -9.99 -10.32
CA GLY B 22 9.50 -8.54 -10.20
C GLY B 22 10.27 -8.07 -8.99
N GLY B 23 10.16 -6.77 -8.74
CA GLY B 23 10.89 -6.14 -7.64
C GLY B 23 11.72 -4.97 -8.13
N LYS B 24 12.30 -4.28 -7.16
CA LYS B 24 12.96 -3.00 -7.38
C LYS B 24 14.01 -3.03 -8.48
N GLU B 25 14.79 -4.11 -8.53
CA GLU B 25 15.90 -4.15 -9.49
C GLU B 25 15.40 -4.28 -10.93
N HIS B 26 14.12 -4.61 -11.07
CA HIS B 26 13.50 -4.73 -12.39
C HIS B 26 12.62 -3.53 -12.73
N GLY B 27 12.48 -2.60 -11.79
CA GLY B 27 11.68 -1.42 -12.02
C GLY B 27 10.19 -1.70 -12.10
N VAL B 28 9.76 -2.80 -11.49
CA VAL B 28 8.34 -3.17 -11.46
C VAL B 28 7.99 -3.68 -10.08
N PRO B 29 6.69 -3.74 -9.74
CA PRO B 29 6.30 -4.22 -8.42
C PRO B 29 6.64 -5.69 -8.21
N ILE B 30 6.54 -6.13 -6.95
CA ILE B 30 6.47 -7.54 -6.64
C ILE B 30 5.13 -8.03 -7.20
N LEU B 31 5.18 -9.00 -8.11
CA LEU B 31 4.00 -9.43 -8.85
C LEU B 31 3.71 -10.90 -8.63
N ILE B 32 2.43 -11.23 -8.53
CA ILE B 32 2.01 -12.62 -8.52
C ILE B 32 1.99 -13.14 -9.94
N SER B 33 2.80 -14.17 -10.21
CA SER B 33 2.86 -14.75 -11.54
C SER B 33 2.11 -16.07 -11.63
N GLU B 34 1.84 -16.72 -10.50
CA GLU B 34 1.09 -17.97 -10.47
C GLU B 34 0.37 -18.12 -9.13
N ILE B 35 -0.84 -18.64 -9.18
CA ILE B 35 -1.55 -19.05 -7.97
C ILE B 35 -1.71 -20.56 -8.02
N HIS B 36 -1.11 -21.26 -7.07
CA HIS B 36 -1.10 -22.73 -7.06
C HIS B 36 -2.40 -23.33 -6.47
N PRO B 37 -3.05 -24.22 -7.22
CA PRO B 37 -4.34 -24.81 -6.81
C PRO B 37 -4.30 -25.48 -5.44
N GLY B 38 -5.27 -25.14 -4.58
CA GLY B 38 -5.46 -25.82 -3.30
C GLY B 38 -4.69 -25.28 -2.12
N GLN B 39 -3.70 -24.44 -2.38
N GLN B 39 -3.69 -24.44 -2.39
CA GLN B 39 -2.88 -23.91 -1.30
CA GLN B 39 -2.87 -23.87 -1.32
C GLN B 39 -3.49 -22.60 -0.77
C GLN B 39 -3.52 -22.62 -0.75
N PRO B 40 -2.98 -22.08 0.35
CA PRO B 40 -3.58 -20.93 1.03
C PRO B 40 -4.01 -19.76 0.12
N ALA B 41 -3.18 -19.36 -0.83
CA ALA B 41 -3.53 -18.23 -1.69
C ALA B 41 -4.76 -18.53 -2.57
N ASP B 42 -4.79 -19.72 -3.14
CA ASP B 42 -5.95 -20.14 -3.91
C ASP B 42 -7.19 -20.20 -3.01
N ARG B 43 -7.03 -20.79 -1.83
CA ARG B 43 -8.16 -21.00 -0.92
C ARG B 43 -8.84 -19.70 -0.50
N CYS B 44 -8.06 -18.63 -0.35
CA CYS B 44 -8.63 -17.37 0.12
C CYS B 44 -9.45 -16.67 -0.96
N GLY B 45 -9.19 -17.01 -2.22
CA GLY B 45 -9.98 -16.51 -3.33
C GLY B 45 -9.87 -15.02 -3.63
N GLY B 46 -8.90 -14.35 -3.04
CA GLY B 46 -8.75 -12.92 -3.24
C GLY B 46 -7.43 -12.46 -3.84
N LEU B 47 -6.59 -13.41 -4.24
CA LEU B 47 -5.29 -13.12 -4.84
C LEU B 47 -5.20 -13.72 -6.24
N HIS B 48 -4.74 -12.94 -7.21
CA HIS B 48 -4.78 -13.35 -8.60
C HIS B 48 -3.51 -13.04 -9.37
N VAL B 49 -3.26 -13.80 -10.44
CA VAL B 49 -2.15 -13.53 -11.32
C VAL B 49 -2.23 -12.11 -11.83
N GLY B 50 -1.11 -11.40 -11.75
CA GLY B 50 -1.04 -10.02 -12.17
C GLY B 50 -1.23 -9.02 -11.04
N ASP B 51 -1.71 -9.46 -9.88
CA ASP B 51 -1.75 -8.58 -8.71
C ASP B 51 -0.35 -8.17 -8.32
N ALA B 52 -0.19 -6.90 -7.97
CA ALA B 52 1.02 -6.40 -7.34
C ALA B 52 0.83 -6.49 -5.83
N ILE B 53 1.84 -7.00 -5.14
CA ILE B 53 1.84 -7.02 -3.70
C ILE B 53 2.52 -5.75 -3.22
N LEU B 54 1.71 -4.83 -2.70
CA LEU B 54 2.21 -3.55 -2.21
C LEU B 54 2.80 -3.67 -0.81
N ALA B 55 2.19 -4.51 0.01
CA ALA B 55 2.63 -4.68 1.39
C ALA B 55 2.12 -6.02 1.90
N VAL B 56 2.80 -6.54 2.91
CA VAL B 56 2.33 -7.71 3.61
C VAL B 56 2.46 -7.47 5.11
N ASN B 57 1.39 -7.68 5.85
CA ASN B 57 1.37 -7.42 7.29
C ASN B 57 2.00 -6.08 7.65
N GLY B 58 1.72 -5.07 6.84
CA GLY B 58 2.22 -3.73 7.13
C GLY B 58 3.69 -3.49 6.82
N VAL B 59 4.30 -4.41 6.08
CA VAL B 59 5.64 -4.21 5.55
C VAL B 59 5.51 -3.74 4.11
N ASN B 60 5.93 -2.50 3.84
CA ASN B 60 5.81 -1.91 2.52
C ASN B 60 6.83 -2.52 1.59
N LEU B 61 6.35 -3.14 0.50
CA LEU B 61 7.21 -3.80 -0.48
C LEU B 61 7.20 -3.08 -1.83
N ARG B 62 6.78 -1.81 -1.84
CA ARG B 62 6.75 -1.05 -3.09
C ARG B 62 8.15 -0.73 -3.63
N ASP B 63 9.16 -0.74 -2.78
CA ASP B 63 10.50 -0.37 -3.22
C ASP B 63 11.55 -1.30 -2.62
N THR B 64 11.33 -2.59 -2.79
CA THR B 64 12.20 -3.62 -2.23
C THR B 64 12.61 -4.56 -3.34
N LYS B 65 13.85 -5.01 -3.32
CA LYS B 65 14.32 -5.96 -4.31
C LYS B 65 13.65 -7.32 -4.12
N HIS B 66 13.63 -8.07 -5.21
CA HIS B 66 12.99 -9.38 -5.25
C HIS B 66 13.34 -10.28 -4.06
N LYS B 67 14.62 -10.52 -3.84
CA LYS B 67 15.04 -11.49 -2.84
C LYS B 67 14.58 -11.11 -1.44
N GLU B 68 14.74 -9.83 -1.07
CA GLU B 68 14.35 -9.37 0.25
C GLU B 68 12.85 -9.43 0.44
N ALA B 69 12.09 -9.08 -0.61
CA ALA B 69 10.64 -9.16 -0.53
C ALA B 69 10.19 -10.60 -0.29
N VAL B 70 10.79 -11.52 -1.06
CA VAL B 70 10.47 -12.94 -0.91
C VAL B 70 10.80 -13.43 0.49
N THR B 71 11.94 -13.00 1.03
CA THR B 71 12.30 -13.38 2.39
C THR B 71 11.25 -12.89 3.40
N ILE B 72 10.88 -11.62 3.34
CA ILE B 72 9.85 -11.09 4.23
C ILE B 72 8.54 -11.85 4.10
N LEU B 73 8.13 -12.07 2.87
CA LEU B 73 6.89 -12.80 2.62
C LEU B 73 6.94 -14.18 3.27
N SER B 74 8.07 -14.86 3.13
N SER B 74 8.07 -14.87 3.14
CA SER B 74 8.26 -16.22 3.63
CA SER B 74 8.18 -16.24 3.64
C SER B 74 8.20 -16.31 5.16
C SER B 74 8.36 -16.35 5.16
N GLN B 75 8.57 -15.21 5.83
CA GLN B 75 8.64 -15.19 7.29
C GLN B 75 7.27 -15.03 7.95
N GLN B 76 6.26 -14.69 7.16
CA GLN B 76 4.94 -14.42 7.73
C GLN B 76 4.27 -15.72 8.14
N ARG B 77 3.48 -15.67 9.20
N ARG B 77 3.50 -15.68 9.21
CA ARG B 77 2.84 -16.86 9.76
CA ARG B 77 2.84 -16.87 9.74
C ARG B 77 1.38 -16.59 10.09
C ARG B 77 1.38 -16.59 10.08
N GLY B 78 0.59 -17.66 10.12
CA GLY B 78 -0.80 -17.57 10.55
C GLY B 78 -1.71 -16.86 9.56
N GLU B 79 -2.52 -15.95 10.09
CA GLU B 79 -3.41 -15.16 9.26
C GLU B 79 -2.65 -13.92 8.79
N ILE B 80 -2.41 -13.84 7.49
CA ILE B 80 -1.50 -12.87 6.89
C ILE B 80 -2.27 -11.90 5.99
N GLU B 81 -2.06 -10.60 6.18
CA GLU B 81 -2.75 -9.60 5.38
C GLU B 81 -1.90 -9.15 4.21
N PHE B 82 -2.42 -9.35 3.00
CA PHE B 82 -1.79 -8.85 1.79
C PHE B 82 -2.48 -7.57 1.32
N GLU B 83 -1.71 -6.53 1.03
CA GLU B 83 -2.25 -5.34 0.40
C GLU B 83 -1.87 -5.42 -1.07
N VAL B 84 -2.87 -5.56 -1.94
CA VAL B 84 -2.64 -5.85 -3.35
C VAL B 84 -3.42 -4.91 -4.25
N VAL B 85 -2.97 -4.81 -5.49
CA VAL B 85 -3.69 -4.03 -6.48
C VAL B 85 -3.47 -4.63 -7.86
N TYR B 86 -4.55 -4.64 -8.66
CA TYR B 86 -4.46 -5.02 -10.06
C TYR B 86 -4.67 -3.72 -10.82
N VAL B 87 -3.59 -3.10 -11.25
CA VAL B 87 -3.66 -1.76 -11.82
C VAL B 87 -4.41 -1.74 -13.15
N ASN C 2 6.69 9.95 -16.01
CA ASN C 2 6.95 9.77 -14.58
C ASN C 2 6.67 11.02 -13.77
N SER C 3 6.31 10.81 -12.51
CA SER C 3 6.12 11.90 -11.57
C SER C 3 7.45 12.57 -11.26
N ARG C 4 7.40 13.85 -10.89
CA ARG C 4 8.62 14.59 -10.56
C ARG C 4 9.42 13.85 -9.49
N TYR C 5 8.69 13.30 -8.52
CA TYR C 5 9.30 12.50 -7.46
C TYR C 5 8.52 11.20 -7.35
N PRO C 6 9.10 10.19 -6.68
CA PRO C 6 8.40 8.90 -6.51
C PRO C 6 6.94 9.05 -6.05
N THR C 7 6.12 8.12 -6.50
CA THR C 7 4.72 8.10 -6.18
C THR C 7 4.34 6.74 -5.63
N SER C 8 3.49 6.71 -4.61
CA SER C 8 2.97 5.48 -4.06
C SER C 8 1.46 5.52 -4.07
N ILE C 9 0.84 4.41 -4.47
CA ILE C 9 -0.60 4.26 -4.38
C ILE C 9 -0.91 3.61 -3.03
N ILE C 10 -1.82 4.21 -2.28
CA ILE C 10 -2.11 3.79 -0.91
C ILE C 10 -3.59 3.85 -0.60
N TYR D 5 12.36 -11.94 -15.97
CA TYR D 5 12.56 -11.79 -14.54
C TYR D 5 12.48 -13.14 -13.85
N PRO D 6 13.40 -13.40 -12.90
CA PRO D 6 13.44 -14.65 -12.13
C PRO D 6 12.19 -14.88 -11.29
N THR D 7 11.93 -16.15 -10.96
CA THR D 7 10.73 -16.52 -10.22
C THR D 7 11.09 -17.15 -8.89
N SER D 8 10.35 -16.74 -7.85
CA SER D 8 10.43 -17.39 -6.56
C SER D 8 9.08 -17.99 -6.25
N ILE D 9 9.07 -18.99 -5.38
CA ILE D 9 7.83 -19.55 -4.89
C ILE D 9 7.79 -19.41 -3.39
N ILE D 10 6.64 -19.01 -2.87
CA ILE D 10 6.44 -18.85 -1.43
C ILE D 10 5.19 -19.59 -0.98
C1 GOL E . 12.88 -0.59 4.67
O1 GOL E . 12.45 -1.29 3.53
C2 GOL E . 13.42 0.78 4.28
O2 GOL E . 12.45 1.51 3.57
C3 GOL E . 14.65 0.57 3.41
O3 GOL E . 15.39 1.78 3.37
C1 GOL F . -5.18 1.77 -6.67
O1 GOL F . -6.14 1.92 -5.65
C2 GOL F . -5.58 2.57 -7.90
O2 GOL F . -6.89 2.24 -8.30
C3 GOL F . -4.61 2.26 -9.03
O3 GOL F . -4.98 2.99 -10.18
C1 GOL G . -8.35 -7.34 5.74
O1 GOL G . -7.62 -7.30 6.94
C2 GOL G . -9.61 -8.18 5.94
O2 GOL G . -10.44 -7.61 6.93
C3 GOL G . -10.35 -8.25 4.60
O3 GOL G . -11.51 -9.05 4.72
#